data_5VJN
#
_entry.id   5VJN
#
_cell.length_a   138.630
_cell.length_b   49.800
_cell.length_c   96.580
_cell.angle_alpha   90.00
_cell.angle_beta   131.04
_cell.angle_gamma   90.00
#
_symmetry.space_group_name_H-M   'C 1 2 1'
#
loop_
_entity.id
_entity.type
_entity.pdbx_description
1 polymer 'Adenine phosphoribosyltransferase 1'
2 non-polymer '[(2R,3S,4R,5R)-3,4-dihydroxypyrrolidine-2,5-diyl]bis(methylene) bis[dihydrogen (phosphate)]'
3 non-polymer 1,2-ETHANEDIOL
4 non-polymer ADENINE
5 water water
#
_entity_poly.entity_id   1
_entity_poly.type   'polypeptide(L)'
_entity_poly.pdbx_seq_one_letter_code
;MPIASYAQELKLALHQYPNFPSEGILFEDFLPIFRNPGLFQKLIDAFKLHLEEAFPEVKIDYIVGLESRGFLFGPTLALA
LGVGFVPVRKAGKLPGECFKATYEKEYGSDLFEIQKNAIPAGSNVIIVDDIIATGGSAAAAGELVEQLEANLLEYNFVME
LDFLKGRSKLNAPVFTLLNAQKEALKK
;
_entity_poly.pdbx_strand_id   A,B
#
# COMPACT_ATOMS: atom_id res chain seq x y z
N ILE A 3 5.56 14.73 -17.92
CA ILE A 3 5.52 15.02 -16.46
C ILE A 3 4.59 16.19 -16.11
N ALA A 4 4.68 17.27 -16.88
CA ALA A 4 3.91 18.50 -16.62
C ALA A 4 2.41 18.35 -16.90
N SER A 5 2.08 17.79 -18.07
CA SER A 5 0.68 17.58 -18.47
C SER A 5 -0.04 16.55 -17.58
N TYR A 6 0.68 15.47 -17.24
CA TYR A 6 0.18 14.47 -16.30
C TYR A 6 -0.04 15.08 -14.90
N ALA A 7 0.89 15.89 -14.44
CA ALA A 7 0.78 16.58 -13.15
C ALA A 7 -0.45 17.48 -13.04
N GLN A 8 -0.81 18.17 -14.13
CA GLN A 8 -2.00 19.03 -14.15
C GLN A 8 -3.30 18.23 -13.98
N GLU A 9 -3.43 17.14 -14.72
CA GLU A 9 -4.61 16.26 -14.63
C GLU A 9 -4.71 15.57 -13.27
N LEU A 10 -3.57 15.18 -12.71
CA LEU A 10 -3.51 14.60 -11.36
C LEU A 10 -3.85 15.63 -10.27
N LYS A 11 -3.41 16.88 -10.45
CA LYS A 11 -3.79 17.98 -9.54
C LYS A 11 -5.31 18.22 -9.50
N LEU A 12 -5.95 18.18 -10.67
CA LEU A 12 -7.41 18.33 -10.77
C LEU A 12 -8.19 17.20 -10.09
N ALA A 13 -7.59 16.00 -10.04
CA ALA A 13 -8.19 14.85 -9.36
C ALA A 13 -8.15 14.93 -7.83
N LEU A 14 -7.22 15.70 -7.26
CA LEU A 14 -7.13 15.86 -5.80
C LEU A 14 -8.42 16.47 -5.25
N HIS A 15 -8.83 16.01 -4.07
CA HIS A 15 -10.03 16.50 -3.40
C HIS A 15 -9.61 17.14 -2.07
N GLN A 16 -9.97 18.41 -1.89
CA GLN A 16 -9.60 19.17 -0.68
C GLN A 16 -10.64 18.99 0.42
N TYR A 17 -10.18 18.79 1.66
CA TYR A 17 -11.05 18.63 2.83
C TYR A 17 -10.56 19.55 3.96
N PRO A 18 -11.20 20.73 4.11
CA PRO A 18 -10.77 21.62 5.20
C PRO A 18 -11.12 21.09 6.59
N ASN A 19 -10.26 21.40 7.56
CA ASN A 19 -10.45 21.06 8.97
C ASN A 19 -10.44 19.55 9.27
N PHE A 20 -9.62 18.81 8.51
CA PHE A 20 -9.39 17.39 8.76
C PHE A 20 -7.87 17.13 8.79
N PRO A 21 -7.35 16.40 9.78
CA PRO A 21 -8.11 15.74 10.87
C PRO A 21 -8.58 16.67 12.01
N SER A 22 -8.14 17.92 12.04
CA SER A 22 -8.56 18.88 13.07
C SER A 22 -8.63 20.31 12.51
N GLU A 23 -9.18 21.21 13.32
CA GLU A 23 -9.43 22.60 12.92
C GLU A 23 -8.19 23.29 12.36
N GLY A 24 -8.35 23.94 11.22
CA GLY A 24 -7.26 24.71 10.60
C GLY A 24 -6.38 23.98 9.59
N ILE A 25 -6.46 22.65 9.57
CA ILE A 25 -5.65 21.83 8.66
C ILE A 25 -6.41 21.61 7.36
N LEU A 26 -5.74 21.81 6.23
CA LEU A 26 -6.31 21.55 4.91
C LEU A 26 -5.78 20.22 4.37
N PHE A 27 -6.65 19.21 4.32
CA PHE A 27 -6.28 17.86 3.88
C PHE A 27 -6.41 17.73 2.35
N GLU A 28 -5.33 17.31 1.69
CA GLU A 28 -5.36 17.01 0.26
C GLU A 28 -5.46 15.49 0.10
N ASP A 29 -6.60 15.04 -0.44
CA ASP A 29 -6.87 13.61 -0.62
C ASP A 29 -6.48 13.21 -2.05
N PHE A 30 -5.47 12.34 -2.16
CA PHE A 30 -5.06 11.77 -3.45
C PHE A 30 -5.74 10.45 -3.85
N LEU A 31 -6.64 9.95 -3.00
CA LEU A 31 -7.35 8.68 -3.27
C LEU A 31 -8.19 8.64 -4.55
N PRO A 32 -8.76 9.78 -5.00
CA PRO A 32 -9.47 9.74 -6.29
C PRO A 32 -8.62 9.32 -7.50
N ILE A 33 -7.30 9.51 -7.44
CA ILE A 33 -6.38 9.03 -8.50
C ILE A 33 -6.44 7.50 -8.64
N PHE A 34 -6.50 6.80 -7.52
CA PHE A 34 -6.48 5.33 -7.51
C PHE A 34 -7.81 4.72 -7.97
N ARG A 35 -8.91 5.47 -7.87
CA ARG A 35 -10.22 5.05 -8.39
C ARG A 35 -10.30 4.93 -9.91
N ASN A 36 -9.42 5.65 -10.61
CA ASN A 36 -9.41 5.72 -12.07
C ASN A 36 -8.10 5.11 -12.57
N PRO A 37 -8.16 3.94 -13.23
CA PRO A 37 -6.91 3.31 -13.70
C PRO A 37 -6.13 4.13 -14.74
N GLY A 38 -6.81 5.02 -15.46
CA GLY A 38 -6.15 5.97 -16.34
C GLY A 38 -5.27 6.97 -15.59
N LEU A 39 -5.82 7.54 -14.51
CA LEU A 39 -5.08 8.49 -13.67
C LEU A 39 -3.96 7.80 -12.90
N PHE A 40 -4.25 6.63 -12.33
CA PHE A 40 -3.25 5.86 -11.59
C PHE A 40 -2.05 5.52 -12.48
N GLN A 41 -2.29 5.05 -13.69
CA GLN A 41 -1.22 4.78 -14.63
C GLN A 41 -0.38 6.03 -14.92
N LYS A 42 -1.04 7.18 -15.05
CA LYS A 42 -0.34 8.45 -15.23
C LYS A 42 0.55 8.83 -14.04
N LEU A 43 0.08 8.57 -12.81
CA LEU A 43 0.89 8.80 -11.59
C LEU A 43 2.17 7.96 -11.61
N ILE A 44 2.02 6.68 -11.96
CA ILE A 44 3.15 5.76 -12.03
C ILE A 44 4.11 6.16 -13.15
N ASP A 45 3.57 6.39 -14.34
CA ASP A 45 4.36 6.81 -15.51
C ASP A 45 5.16 8.09 -15.23
N ALA A 46 4.54 9.04 -14.55
CA ALA A 46 5.17 10.32 -14.23
C ALA A 46 6.38 10.18 -13.32
N PHE A 47 6.25 9.36 -12.27
CA PHE A 47 7.39 9.01 -11.38
C PHE A 47 8.47 8.22 -12.11
N LYS A 48 8.07 7.26 -12.94
CA LYS A 48 9.01 6.50 -13.78
C LYS A 48 9.82 7.43 -14.69
N LEU A 49 9.12 8.33 -15.38
CA LEU A 49 9.76 9.32 -16.25
C LEU A 49 10.76 10.19 -15.49
N HIS A 50 10.38 10.65 -14.30
CA HIS A 50 11.27 11.47 -13.48
C HIS A 50 12.57 10.73 -13.15
N LEU A 51 12.44 9.48 -12.71
CA LEU A 51 13.59 8.68 -12.27
C LEU A 51 14.52 8.34 -13.44
N GLU A 52 13.95 8.03 -14.59
CA GLU A 52 14.71 7.83 -15.83
C GLU A 52 15.46 9.10 -16.26
N GLU A 53 14.86 10.25 -16.01
CA GLU A 53 15.49 11.56 -16.29
C GLU A 53 16.58 11.93 -15.26
N ALA A 54 16.30 11.69 -13.99
CA ALA A 54 17.24 12.00 -12.90
C ALA A 54 18.37 10.97 -12.72
N PHE A 55 18.12 9.71 -13.06
CA PHE A 55 19.07 8.62 -12.81
C PHE A 55 19.24 7.70 -14.04
N PRO A 56 19.61 8.28 -15.20
CA PRO A 56 19.68 7.52 -16.45
C PRO A 56 20.69 6.37 -16.44
N GLU A 57 21.82 6.53 -15.74
CA GLU A 57 22.84 5.47 -15.69
C GLU A 57 23.16 5.01 -14.26
N VAL A 58 22.14 5.03 -13.40
CA VAL A 58 22.25 4.51 -12.04
C VAL A 58 21.10 3.54 -11.83
N LYS A 59 21.44 2.27 -11.61
CA LYS A 59 20.44 1.26 -11.29
C LYS A 59 19.86 1.50 -9.89
N ILE A 60 18.53 1.55 -9.82
CA ILE A 60 17.79 1.57 -8.55
C ILE A 60 17.56 0.10 -8.16
N ASP A 61 17.90 -0.25 -6.92
CA ASP A 61 17.73 -1.62 -6.42
C ASP A 61 16.38 -1.81 -5.73
N TYR A 62 15.95 -0.82 -4.93
CA TYR A 62 14.67 -0.87 -4.23
C TYR A 62 13.93 0.47 -4.15
N ILE A 63 12.60 0.39 -4.17
CA ILE A 63 11.74 1.47 -3.67
C ILE A 63 11.41 1.15 -2.22
N VAL A 64 11.61 2.11 -1.34
CA VAL A 64 11.24 2.00 0.06
C VAL A 64 10.02 2.89 0.27
N GLY A 65 8.89 2.27 0.64
CA GLY A 65 7.62 2.98 0.85
C GLY A 65 7.23 3.07 2.31
N LEU A 66 6.72 4.23 2.73
CA LEU A 66 6.30 4.46 4.12
C LEU A 66 4.85 4.03 4.31
N GLU A 67 4.60 3.32 5.40
CA GLU A 67 3.23 3.00 5.82
C GLU A 67 2.49 4.32 6.15
N SER A 68 1.22 4.50 5.76
CA SER A 68 0.39 3.56 4.97
C SER A 68 0.25 3.98 3.51
N ARG A 69 0.15 5.29 3.24
CA ARG A 69 -0.19 5.77 1.90
C ARG A 69 0.93 5.61 0.86
N GLY A 70 2.17 5.48 1.33
CA GLY A 70 3.28 5.07 0.45
C GLY A 70 3.13 3.66 -0.10
N PHE A 71 2.37 2.81 0.60
CA PHE A 71 2.03 1.45 0.11
C PHE A 71 1.07 1.48 -1.08
N LEU A 72 0.28 2.54 -1.22
CA LEU A 72 -0.72 2.61 -2.29
C LEU A 72 -0.10 2.70 -3.69
N PHE A 73 1.05 3.36 -3.82
CA PHE A 73 1.73 3.51 -5.14
C PHE A 73 3.19 2.99 -5.21
N GLY A 74 3.89 2.89 -4.07
CA GLY A 74 5.28 2.42 -4.04
C GLY A 74 5.55 1.06 -4.67
N PRO A 75 4.79 0.02 -4.25
CA PRO A 75 4.92 -1.30 -4.86
C PRO A 75 4.62 -1.30 -6.37
N THR A 76 3.57 -0.60 -6.78
CA THR A 76 3.24 -0.49 -8.20
C THR A 76 4.38 0.20 -9.00
N LEU A 77 4.98 1.24 -8.43
CA LEU A 77 6.11 1.91 -9.06
C LEU A 77 7.32 0.98 -9.17
N ALA A 78 7.61 0.25 -8.09
CA ALA A 78 8.69 -0.74 -8.07
C ALA A 78 8.52 -1.77 -9.17
N LEU A 79 7.33 -2.36 -9.27
CA LEU A 79 7.07 -3.37 -10.31
C LEU A 79 7.20 -2.79 -11.72
N ALA A 80 6.73 -1.55 -11.92
CA ALA A 80 6.87 -0.87 -13.22
C ALA A 80 8.34 -0.63 -13.60
N LEU A 81 9.17 -0.36 -12.60
CA LEU A 81 10.62 -0.17 -12.82
C LEU A 81 11.42 -1.47 -12.94
N GLY A 82 10.84 -2.58 -12.50
CA GLY A 82 11.52 -3.88 -12.46
C GLY A 82 12.47 -4.00 -11.28
N VAL A 83 12.08 -3.41 -10.14
CA VAL A 83 12.92 -3.36 -8.94
C VAL A 83 12.12 -3.84 -7.72
N GLY A 84 12.83 -4.05 -6.61
CA GLY A 84 12.21 -4.54 -5.38
C GLY A 84 11.45 -3.47 -4.63
N PHE A 85 10.50 -3.90 -3.81
CA PHE A 85 9.83 -3.03 -2.87
C PHE A 85 10.08 -3.52 -1.44
N VAL A 86 10.36 -2.57 -0.54
CA VAL A 86 10.52 -2.84 0.89
C VAL A 86 9.74 -1.78 1.69
N PRO A 87 8.90 -2.22 2.66
CA PRO A 87 8.17 -1.26 3.49
C PRO A 87 8.93 -0.74 4.70
N VAL A 88 8.68 0.52 5.06
CA VAL A 88 9.01 1.05 6.38
C VAL A 88 7.69 1.08 7.14
N ARG A 89 7.65 0.40 8.29
CA ARG A 89 6.41 0.23 9.06
C ARG A 89 6.48 0.89 10.43
N LYS A 90 5.31 1.11 11.00
CA LYS A 90 5.19 1.55 12.39
C LYS A 90 5.73 0.46 13.33
N ALA A 91 6.13 0.86 14.53
CA ALA A 91 6.76 -0.04 15.51
C ALA A 91 5.94 -1.30 15.81
N GLY A 92 6.64 -2.44 15.92
CA GLY A 92 6.03 -3.70 16.32
C GLY A 92 5.27 -4.47 15.26
N LYS A 93 5.26 -3.98 14.01
CA LYS A 93 4.47 -4.58 12.93
C LYS A 93 5.28 -5.59 12.10
N LEU A 94 6.55 -5.30 11.87
CA LEU A 94 7.43 -6.17 11.08
C LEU A 94 8.02 -7.29 11.93
N PRO A 95 8.02 -8.53 11.42
CA PRO A 95 8.65 -9.64 12.14
C PRO A 95 10.16 -9.67 11.95
N GLY A 96 10.85 -10.42 12.80
CA GLY A 96 12.30 -10.59 12.69
C GLY A 96 13.09 -9.41 13.22
N GLU A 97 14.39 -9.44 12.95
CA GLU A 97 15.32 -8.40 13.42
C GLU A 97 15.15 -7.13 12.59
N CYS A 98 14.92 -6.00 13.27
CA CYS A 98 14.70 -4.71 12.60
C CYS A 98 15.60 -3.62 13.14
N PHE A 99 15.93 -2.66 12.27
CA PHE A 99 16.47 -1.37 12.70
C PHE A 99 15.32 -0.47 13.09
N LYS A 100 15.60 0.49 13.98
CA LYS A 100 14.59 1.40 14.52
C LYS A 100 15.04 2.84 14.36
N ALA A 101 14.08 3.75 14.21
CA ALA A 101 14.35 5.19 14.11
C ALA A 101 13.15 5.98 14.65
N THR A 102 13.41 6.88 15.60
CA THR A 102 12.37 7.64 16.28
C THR A 102 12.08 8.96 15.55
N TYR A 103 10.83 9.39 15.59
CA TYR A 103 10.44 10.70 15.09
C TYR A 103 9.31 11.28 15.95
N GLU A 104 9.22 12.61 16.00
CA GLU A 104 8.23 13.28 16.83
C GLU A 104 6.94 13.59 16.06
N LYS A 105 5.81 13.45 16.77
CA LYS A 105 4.49 13.93 16.32
C LYS A 105 4.03 15.01 17.31
N GLU A 106 2.81 15.53 17.12
CA GLU A 106 2.23 16.59 17.96
C GLU A 106 2.50 16.44 19.48
N TYR A 107 1.87 15.44 20.10
CA TYR A 107 1.97 15.22 21.55
C TYR A 107 2.73 13.93 21.90
N GLY A 108 3.69 13.53 21.05
CA GLY A 108 4.45 12.31 21.31
C GLY A 108 5.55 11.97 20.33
N SER A 109 6.22 10.85 20.61
CA SER A 109 7.27 10.30 19.76
C SER A 109 6.83 8.92 19.31
N ASP A 110 6.81 8.74 17.99
CA ASP A 110 6.47 7.47 17.38
C ASP A 110 7.74 6.94 16.69
N LEU A 111 7.71 5.67 16.33
CA LEU A 111 8.90 4.95 15.91
C LEU A 111 8.62 4.20 14.60
N PHE A 112 9.59 4.22 13.69
CA PHE A 112 9.54 3.45 12.45
C PHE A 112 10.57 2.32 12.46
N GLU A 113 10.31 1.29 11.66
CA GLU A 113 11.19 0.13 11.56
C GLU A 113 11.39 -0.33 10.11
N ILE A 114 12.52 -0.97 9.86
CA ILE A 114 12.78 -1.69 8.60
C ILE A 114 13.47 -3.01 8.94
N GLN A 115 13.25 -4.03 8.12
CA GLN A 115 13.86 -5.34 8.33
C GLN A 115 15.34 -5.36 7.93
N LYS A 116 16.17 -5.91 8.80
CA LYS A 116 17.62 -5.96 8.57
C LYS A 116 18.00 -6.77 7.34
N ASN A 117 17.29 -7.87 7.09
CA ASN A 117 17.59 -8.75 5.94
C ASN A 117 17.02 -8.28 4.58
N ALA A 118 16.34 -7.14 4.54
CA ALA A 118 15.60 -6.72 3.35
C ALA A 118 16.46 -6.09 2.26
N ILE A 119 17.45 -5.29 2.66
CA ILE A 119 18.24 -4.48 1.73
C ILE A 119 19.72 -4.69 2.05
N PRO A 120 20.49 -5.24 1.09
CA PRO A 120 21.95 -5.35 1.31
C PRO A 120 22.64 -4.00 1.36
N ALA A 121 23.75 -3.94 2.11
CA ALA A 121 24.62 -2.76 2.12
C ALA A 121 25.11 -2.46 0.71
N GLY A 122 25.18 -1.18 0.35
CA GLY A 122 25.55 -0.75 -1.00
C GLY A 122 24.39 -0.61 -1.98
N SER A 123 23.18 -1.06 -1.60
CA SER A 123 21.99 -0.91 -2.44
C SER A 123 21.61 0.57 -2.65
N ASN A 124 21.18 0.89 -3.86
CA ASN A 124 20.66 2.22 -4.21
C ASN A 124 19.14 2.22 -4.08
N VAL A 125 18.61 3.17 -3.29
CA VAL A 125 17.19 3.19 -2.96
C VAL A 125 16.57 4.57 -3.20
N ILE A 126 15.27 4.56 -3.49
CA ILE A 126 14.43 5.75 -3.49
C ILE A 126 13.40 5.58 -2.38
N ILE A 127 13.21 6.59 -1.55
CA ILE A 127 12.14 6.57 -0.53
C ILE A 127 10.90 7.27 -1.07
N VAL A 128 9.74 6.62 -0.95
CA VAL A 128 8.47 7.19 -1.43
C VAL A 128 7.37 7.29 -0.38
N ASP A 129 6.61 8.37 -0.44
CA ASP A 129 5.43 8.57 0.40
C ASP A 129 4.49 9.54 -0.31
N ASP A 130 3.24 9.63 0.15
CA ASP A 130 2.27 10.48 -0.51
C ASP A 130 2.55 11.98 -0.34
N ILE A 131 2.77 12.41 0.91
CA ILE A 131 2.96 13.83 1.23
C ILE A 131 4.15 14.00 2.20
N ILE A 132 4.85 15.12 2.08
CA ILE A 132 5.79 15.58 3.11
C ILE A 132 5.21 16.83 3.75
N ALA A 133 5.09 16.80 5.08
CA ALA A 133 4.56 17.93 5.85
C ALA A 133 5.71 18.49 6.69
N THR A 134 5.92 17.95 7.90
CA THR A 134 7.04 18.37 8.75
C THR A 134 8.36 17.74 8.31
N GLY A 135 8.29 16.59 7.63
CA GLY A 135 9.48 15.84 7.22
C GLY A 135 9.93 14.78 8.21
N GLY A 136 9.27 14.71 9.37
CA GLY A 136 9.68 13.80 10.45
C GLY A 136 9.68 12.33 10.08
N SER A 137 8.63 11.91 9.36
CA SER A 137 8.49 10.52 8.92
C SER A 137 9.54 10.16 7.89
N ALA A 138 9.67 11.01 6.87
CA ALA A 138 10.69 10.84 5.82
C ALA A 138 12.11 10.82 6.39
N ALA A 139 12.40 11.73 7.32
CA ALA A 139 13.70 11.76 8.00
C ALA A 139 14.00 10.45 8.73
N ALA A 140 13.01 9.91 9.43
CA ALA A 140 13.16 8.62 10.13
C ALA A 140 13.47 7.49 9.15
N ALA A 141 12.75 7.45 8.03
CA ALA A 141 13.01 6.46 6.97
C ALA A 141 14.43 6.57 6.43
N GLY A 142 14.92 7.79 6.27
CA GLY A 142 16.31 8.05 5.89
C GLY A 142 17.32 7.44 6.86
N GLU A 143 17.05 7.57 8.15
CA GLU A 143 17.90 7.00 9.20
C GLU A 143 17.93 5.48 9.15
N LEU A 144 16.80 4.86 8.81
CA LEU A 144 16.73 3.41 8.63
C LEU A 144 17.56 2.95 7.42
N VAL A 145 17.48 3.70 6.33
CA VAL A 145 18.28 3.41 5.12
C VAL A 145 19.78 3.48 5.42
N GLU A 146 20.20 4.50 6.17
CA GLU A 146 21.61 4.65 6.56
C GLU A 146 22.09 3.54 7.50
N GLN A 147 21.20 3.03 8.37
CA GLN A 147 21.52 1.88 9.23
C GLN A 147 21.70 0.57 8.45
N LEU A 148 21.02 0.45 7.30
CA LEU A 148 21.27 -0.66 6.38
C LEU A 148 22.56 -0.51 5.56
N GLU A 149 23.27 0.61 5.70
CA GLU A 149 24.41 0.97 4.85
C GLU A 149 24.05 1.01 3.36
N ALA A 150 22.82 1.45 3.07
CA ALA A 150 22.33 1.62 1.71
C ALA A 150 22.43 3.09 1.33
N ASN A 151 22.37 3.34 0.02
CA ASN A 151 22.50 4.68 -0.54
C ASN A 151 21.13 5.28 -0.83
N LEU A 152 20.84 6.44 -0.25
CA LEU A 152 19.57 7.14 -0.48
C LEU A 152 19.72 8.15 -1.62
N LEU A 153 19.30 7.73 -2.81
CA LEU A 153 19.41 8.56 -4.01
C LEU A 153 18.49 9.78 -3.99
N GLU A 154 17.26 9.58 -3.54
CA GLU A 154 16.24 10.64 -3.61
C GLU A 154 15.00 10.28 -2.76
N TYR A 155 14.31 11.32 -2.30
CA TYR A 155 12.93 11.19 -1.82
C TYR A 155 11.99 11.55 -2.97
N ASN A 156 10.97 10.72 -3.19
CA ASN A 156 9.90 11.04 -4.14
C ASN A 156 8.58 11.14 -3.38
N PHE A 157 7.93 12.31 -3.48
CA PHE A 157 6.59 12.52 -2.91
C PHE A 157 5.61 12.92 -4.00
N VAL A 158 4.33 12.70 -3.73
CA VAL A 158 3.27 13.16 -4.63
C VAL A 158 3.03 14.66 -4.40
N MET A 159 2.91 15.06 -3.13
N MET A 159 2.91 15.06 -3.13
CA MET A 159 2.62 16.43 -2.73
CA MET A 159 2.62 16.43 -2.73
C MET A 159 3.58 16.92 -1.63
C MET A 159 3.58 16.92 -1.63
N GLU A 160 3.63 18.23 -1.45
CA GLU A 160 4.54 18.85 -0.47
C GLU A 160 3.92 20.14 0.07
N LEU A 161 3.94 20.28 1.39
CA LEU A 161 3.44 21.48 2.07
C LEU A 161 4.61 22.43 2.32
N ASP A 162 4.83 23.36 1.39
CA ASP A 162 6.03 24.21 1.33
C ASP A 162 6.26 25.06 2.58
N PHE A 163 5.19 25.72 3.03
CA PHE A 163 5.21 26.51 4.29
C PHE A 163 5.72 25.80 5.55
N LEU A 164 5.56 24.47 5.61
CA LEU A 164 6.10 23.69 6.74
C LEU A 164 7.62 23.43 6.70
N LYS A 165 8.27 23.67 5.55
CA LYS A 165 9.72 23.49 5.39
C LYS A 165 10.20 22.07 5.76
N GLY A 166 9.46 21.08 5.27
CA GLY A 166 9.75 19.67 5.56
C GLY A 166 11.07 19.17 5.00
N ARG A 167 11.43 19.63 3.80
CA ARG A 167 12.71 19.23 3.18
C ARG A 167 13.96 19.62 3.97
N SER A 168 13.87 20.65 4.84
CA SER A 168 15.00 21.06 5.67
C SER A 168 15.47 20.00 6.68
N LYS A 169 14.58 19.10 7.10
CA LYS A 169 14.92 17.98 7.98
C LYS A 169 15.62 16.80 7.28
N LEU A 170 15.63 16.80 5.93
CA LEU A 170 16.17 15.68 5.15
C LEU A 170 17.54 16.02 4.56
N ASN A 171 18.41 15.02 4.48
CA ASN A 171 19.76 15.19 3.93
C ASN A 171 19.99 14.28 2.70
N ALA A 172 18.98 14.26 1.81
CA ALA A 172 19.11 13.74 0.46
C ALA A 172 18.17 14.54 -0.45
N PRO A 173 18.39 14.51 -1.79
CA PRO A 173 17.54 15.29 -2.70
C PRO A 173 16.05 14.89 -2.67
N VAL A 174 15.19 15.84 -3.04
CA VAL A 174 13.74 15.66 -2.96
C VAL A 174 13.06 16.04 -4.28
N PHE A 175 12.20 15.15 -4.77
CA PHE A 175 11.32 15.44 -5.89
C PHE A 175 9.87 15.33 -5.41
N THR A 176 9.07 16.32 -5.79
CA THR A 176 7.63 16.32 -5.52
C THR A 176 6.94 16.49 -6.86
N LEU A 177 6.02 15.57 -7.18
CA LEU A 177 5.39 15.52 -8.49
C LEU A 177 4.42 16.68 -8.72
N LEU A 178 3.60 16.98 -7.71
CA LEU A 178 2.57 18.02 -7.79
C LEU A 178 2.96 19.24 -6.95
N ILE B 3 -1.58 -21.05 -11.91
CA ILE B 3 -1.97 -20.76 -10.50
C ILE B 3 -1.27 -21.67 -9.49
N ALA B 4 -1.22 -22.97 -9.79
CA ALA B 4 -0.62 -23.97 -8.90
C ALA B 4 0.92 -23.86 -8.82
N SER B 5 1.57 -23.75 -9.98
CA SER B 5 3.03 -23.65 -10.04
C SER B 5 3.55 -22.32 -9.46
N TYR B 6 2.82 -21.24 -9.74
CA TYR B 6 3.12 -19.93 -9.13
C TYR B 6 2.94 -19.96 -7.61
N ALA B 7 1.86 -20.60 -7.15
CA ALA B 7 1.60 -20.74 -5.71
C ALA B 7 2.71 -21.48 -4.95
N GLN B 8 3.30 -22.50 -5.57
CA GLN B 8 4.42 -23.24 -4.97
C GLN B 8 5.66 -22.37 -4.78
N GLU B 9 6.04 -21.63 -5.81
CA GLU B 9 7.19 -20.72 -5.75
C GLU B 9 6.97 -19.58 -4.77
N LEU B 10 5.75 -19.06 -4.71
CA LEU B 10 5.37 -18.03 -3.74
C LEU B 10 5.36 -18.56 -2.30
N LYS B 11 4.94 -19.81 -2.11
CA LYS B 11 5.02 -20.48 -0.80
C LYS B 11 6.45 -20.62 -0.27
N LEU B 12 7.37 -20.98 -1.16
CA LEU B 12 8.80 -21.08 -0.83
C LEU B 12 9.42 -19.73 -0.44
N ALA B 13 8.90 -18.63 -0.99
CA ALA B 13 9.36 -17.28 -0.67
C ALA B 13 8.91 -16.79 0.71
N LEU B 14 7.83 -17.34 1.25
CA LEU B 14 7.35 -16.96 2.58
C LEU B 14 8.43 -17.25 3.63
N HIS B 15 8.54 -16.38 4.62
CA HIS B 15 9.54 -16.50 5.68
C HIS B 15 8.78 -16.66 7.00
N GLN B 16 9.08 -17.75 7.72
CA GLN B 16 8.39 -18.08 8.98
C GLN B 16 9.10 -17.43 10.17
N TYR B 17 8.31 -16.85 11.07
CA TYR B 17 8.83 -16.19 12.28
C TYR B 17 8.06 -16.68 13.51
N PRO B 18 8.62 -17.65 14.25
CA PRO B 18 7.93 -18.13 15.45
C PRO B 18 7.89 -17.08 16.57
N ASN B 19 6.80 -17.11 17.34
CA ASN B 19 6.58 -16.24 18.51
C ASN B 19 6.49 -14.74 18.17
N PHE B 20 5.91 -14.42 17.03
CA PHE B 20 5.60 -13.04 16.63
C PHE B 20 4.14 -12.97 16.18
N PRO B 21 3.36 -11.98 16.64
CA PRO B 21 3.77 -10.90 17.55
C PRO B 21 3.91 -11.26 19.03
N SER B 22 3.49 -12.47 19.43
CA SER B 22 3.61 -12.93 20.82
C SER B 22 3.85 -14.43 20.88
N GLU B 23 4.16 -14.91 22.09
CA GLU B 23 4.54 -16.30 22.33
C GLU B 23 3.50 -17.29 21.80
N GLY B 24 3.98 -18.30 21.07
CA GLY B 24 3.12 -19.36 20.54
C GLY B 24 2.54 -19.16 19.15
N ILE B 25 2.60 -17.93 18.63
CA ILE B 25 2.06 -17.61 17.31
C ILE B 25 3.16 -17.81 16.25
N LEU B 26 2.82 -18.48 15.15
CA LEU B 26 3.72 -18.65 14.01
C LEU B 26 3.36 -17.66 12.90
N PHE B 27 4.20 -16.66 12.69
CA PHE B 27 3.95 -15.60 11.70
C PHE B 27 4.50 -15.99 10.33
N GLU B 28 3.65 -15.91 9.31
CA GLU B 28 4.06 -16.10 7.91
C GLU B 28 4.24 -14.73 7.27
N ASP B 29 5.48 -14.39 6.93
CA ASP B 29 5.81 -13.10 6.34
C ASP B 29 5.82 -13.21 4.83
N PHE B 30 4.90 -12.49 4.16
CA PHE B 30 4.87 -12.44 2.68
C PHE B 30 5.70 -11.31 2.04
N LEU B 31 6.35 -10.48 2.86
CA LEU B 31 7.17 -9.36 2.35
C LEU B 31 8.33 -9.73 1.42
N PRO B 32 8.94 -10.92 1.58
CA PRO B 32 9.99 -11.31 0.61
C PRO B 32 9.53 -11.41 -0.85
N ILE B 33 8.24 -11.66 -1.08
CA ILE B 33 7.66 -11.65 -2.44
C ILE B 33 7.84 -10.28 -3.12
N PHE B 34 7.61 -9.21 -2.36
CA PHE B 34 7.66 -7.84 -2.91
C PHE B 34 9.09 -7.35 -3.18
N ARG B 35 10.08 -7.95 -2.51
CA ARG B 35 11.51 -7.68 -2.78
C ARG B 35 12.00 -8.12 -4.15
N ASN B 36 11.32 -9.09 -4.74
CA ASN B 36 11.72 -9.70 -6.02
C ASN B 36 10.63 -9.39 -7.04
N PRO B 37 10.93 -8.55 -8.06
CA PRO B 37 9.88 -8.22 -9.04
C PRO B 37 9.37 -9.40 -9.88
N GLY B 38 10.18 -10.46 -10.00
CA GLY B 38 9.73 -11.71 -10.60
C GLY B 38 8.64 -12.40 -9.81
N LEU B 39 8.85 -12.51 -8.49
CA LEU B 39 7.86 -13.12 -7.60
C LEU B 39 6.61 -12.26 -7.45
N PHE B 40 6.79 -10.95 -7.31
CA PHE B 40 5.67 -10.01 -7.21
C PHE B 40 4.77 -10.10 -8.44
N GLN B 41 5.36 -10.10 -9.63
CA GLN B 41 4.60 -10.25 -10.86
C GLN B 41 3.80 -11.56 -10.88
N LYS B 42 4.41 -12.64 -10.38
CA LYS B 42 3.73 -13.93 -10.26
C LYS B 42 2.53 -13.89 -9.30
N LEU B 43 2.66 -13.16 -8.20
CA LEU B 43 1.54 -12.96 -7.24
C LEU B 43 0.36 -12.26 -7.91
N ILE B 44 0.66 -11.19 -8.65
CA ILE B 44 -0.35 -10.43 -9.38
C ILE B 44 -0.98 -11.27 -10.48
N ASP B 45 -0.15 -11.90 -11.31
CA ASP B 45 -0.61 -12.78 -12.39
C ASP B 45 -1.52 -13.90 -11.89
N ALA B 46 -1.17 -14.49 -10.75
CA ALA B 46 -1.94 -15.59 -10.16
C ALA B 46 -3.35 -15.17 -9.74
N PHE B 47 -3.46 -14.02 -9.08
CA PHE B 47 -4.77 -13.43 -8.74
C PHE B 47 -5.57 -13.03 -9.98
N LYS B 48 -4.90 -12.41 -10.95
CA LYS B 48 -5.53 -12.08 -12.24
C LYS B 48 -6.10 -13.31 -12.94
N LEU B 49 -5.30 -14.38 -13.00
CA LEU B 49 -5.73 -15.65 -13.59
C LEU B 49 -6.94 -16.23 -12.87
N HIS B 50 -6.93 -16.19 -11.54
CA HIS B 50 -8.06 -16.69 -10.75
C HIS B 50 -9.35 -15.94 -11.10
N LEU B 51 -9.28 -14.63 -11.14
CA LEU B 51 -10.45 -13.78 -11.37
C LEU B 51 -11.01 -13.94 -12.79
N GLU B 52 -10.11 -14.05 -13.77
CA GLU B 52 -10.50 -14.36 -15.15
C GLU B 52 -11.17 -15.74 -15.27
N GLU B 53 -10.73 -16.69 -14.45
CA GLU B 53 -11.32 -18.03 -14.39
C GLU B 53 -12.67 -18.06 -13.65
N ALA B 54 -12.74 -17.35 -12.52
CA ALA B 54 -13.97 -17.29 -11.71
C ALA B 54 -15.05 -16.33 -12.25
N PHE B 55 -14.63 -15.27 -12.95
CA PHE B 55 -15.56 -14.21 -13.40
C PHE B 55 -15.32 -13.82 -14.87
N PRO B 56 -15.37 -14.81 -15.78
CA PRO B 56 -15.06 -14.57 -17.20
C PRO B 56 -15.97 -13.55 -17.90
N GLU B 57 -17.24 -13.49 -17.52
CA GLU B 57 -18.20 -12.57 -18.14
C GLU B 57 -18.87 -11.65 -17.14
N VAL B 58 -18.14 -11.28 -16.08
CA VAL B 58 -18.58 -10.29 -15.10
C VAL B 58 -17.49 -9.25 -14.97
N LYS B 59 -17.80 -8.02 -15.36
CA LYS B 59 -16.87 -6.90 -15.19
C LYS B 59 -16.71 -6.56 -13.70
N ILE B 60 -15.46 -6.51 -13.24
CA ILE B 60 -15.10 -6.01 -11.92
C ILE B 60 -14.91 -4.50 -12.04
N ASP B 61 -15.56 -3.74 -11.18
CA ASP B 61 -15.46 -2.27 -11.20
C ASP B 61 -14.35 -1.75 -10.27
N TYR B 62 -14.22 -2.37 -9.08
CA TYR B 62 -13.19 -2.00 -8.11
C TYR B 62 -12.58 -3.17 -7.34
N ILE B 63 -11.31 -3.04 -6.99
CA ILE B 63 -10.68 -3.80 -5.92
C ILE B 63 -10.77 -2.95 -4.67
N VAL B 64 -11.27 -3.54 -3.58
CA VAL B 64 -11.30 -2.90 -2.28
C VAL B 64 -10.23 -3.59 -1.41
N GLY B 65 -9.23 -2.83 -1.00
CA GLY B 65 -8.11 -3.35 -0.20
C GLY B 65 -8.13 -2.88 1.24
N LEU B 66 -7.83 -3.78 2.17
CA LEU B 66 -7.81 -3.48 3.60
C LEU B 66 -6.45 -2.94 4.02
N GLU B 67 -6.47 -1.87 4.81
CA GLU B 67 -5.27 -1.35 5.45
C GLU B 67 -4.71 -2.42 6.41
N SER B 68 -3.40 -2.67 6.50
CA SER B 68 -2.34 -2.04 5.70
C SER B 68 -1.81 -2.94 4.59
N ARG B 69 -1.68 -4.24 4.85
CA ARG B 69 -1.00 -5.15 3.92
C ARG B 69 -1.78 -5.46 2.64
N GLY B 70 -3.11 -5.24 2.66
CA GLY B 70 -3.91 -5.23 1.44
C GLY B 70 -3.53 -4.12 0.46
N PHE B 71 -2.95 -3.03 0.98
CA PHE B 71 -2.42 -1.93 0.15
C PHE B 71 -1.17 -2.33 -0.63
N LEU B 72 -0.42 -3.33 -0.15
CA LEU B 72 0.83 -3.74 -0.80
C LEU B 72 0.61 -4.37 -2.19
N PHE B 73 -0.50 -5.10 -2.38
CA PHE B 73 -0.80 -5.74 -3.67
C PHE B 73 -2.13 -5.36 -4.33
N GLY B 74 -3.12 -4.89 -3.55
CA GLY B 74 -4.44 -4.51 -4.08
C GLY B 74 -4.45 -3.49 -5.22
N PRO B 75 -3.78 -2.33 -5.01
CA PRO B 75 -3.64 -1.32 -6.07
C PRO B 75 -2.95 -1.86 -7.32
N THR B 76 -1.86 -2.62 -7.13
CA THR B 76 -1.16 -3.22 -8.27
C THR B 76 -2.06 -4.20 -9.04
N LEU B 77 -2.85 -4.99 -8.32
CA LEU B 77 -3.81 -5.91 -8.95
C LEU B 77 -4.88 -5.15 -9.73
N ALA B 78 -5.41 -4.09 -9.12
CA ALA B 78 -6.39 -3.21 -9.76
C ALA B 78 -5.87 -2.64 -11.07
N LEU B 79 -4.66 -2.08 -11.04
CA LEU B 79 -4.07 -1.51 -12.25
C LEU B 79 -3.83 -2.57 -13.33
N ALA B 80 -3.38 -3.76 -12.92
CA ALA B 80 -3.20 -4.88 -13.86
C ALA B 80 -4.51 -5.31 -14.53
N LEU B 81 -5.62 -5.25 -13.79
CA LEU B 81 -6.95 -5.58 -14.32
C LEU B 81 -7.61 -4.46 -15.11
N GLY B 82 -7.11 -3.23 -14.97
CA GLY B 82 -7.70 -2.06 -15.61
C GLY B 82 -8.92 -1.55 -14.88
N VAL B 83 -8.90 -1.66 -13.55
CA VAL B 83 -10.05 -1.31 -12.69
C VAL B 83 -9.61 -0.38 -11.56
N GLY B 84 -10.57 0.17 -10.84
CA GLY B 84 -10.29 1.12 -9.77
C GLY B 84 -9.85 0.45 -8.48
N PHE B 85 -9.13 1.20 -7.65
CA PHE B 85 -8.81 0.76 -6.31
C PHE B 85 -9.42 1.73 -5.28
N VAL B 86 -10.00 1.17 -4.23
CA VAL B 86 -10.55 1.93 -3.10
C VAL B 86 -10.08 1.28 -1.78
N PRO B 87 -9.54 2.07 -0.83
CA PRO B 87 -9.11 1.50 0.45
C PRO B 87 -10.23 1.43 1.51
N VAL B 88 -10.16 0.40 2.36
CA VAL B 88 -10.88 0.38 3.63
C VAL B 88 -9.82 0.67 4.69
N ARG B 89 -10.05 1.73 5.48
CA ARG B 89 -9.07 2.21 6.45
C ARG B 89 -9.58 2.11 7.88
N LYS B 90 -8.63 2.14 8.81
CA LYS B 90 -8.95 2.24 10.24
C LYS B 90 -9.66 3.57 10.52
N ALA B 91 -10.42 3.63 11.61
CA ALA B 91 -11.20 4.81 11.99
C ALA B 91 -10.39 6.11 12.03
N GLY B 92 -10.99 7.18 11.52
CA GLY B 92 -10.40 8.52 11.61
C GLY B 92 -9.30 8.86 10.62
N LYS B 93 -9.00 7.94 9.70
CA LYS B 93 -7.91 8.13 8.73
C LYS B 93 -8.40 8.75 7.40
N LEU B 94 -9.58 8.35 6.95
CA LEU B 94 -10.14 8.85 5.69
C LEU B 94 -10.86 10.18 5.88
N PRO B 95 -10.62 11.15 4.98
CA PRO B 95 -11.34 12.42 5.04
C PRO B 95 -12.73 12.31 4.41
N GLY B 96 -13.58 13.31 4.68
CA GLY B 96 -14.91 13.37 4.09
C GLY B 96 -15.92 12.45 4.76
N GLU B 97 -17.09 12.34 4.16
CA GLU B 97 -18.18 11.50 4.68
C GLU B 97 -17.89 10.03 4.44
N CYS B 98 -17.94 9.24 5.51
CA CYS B 98 -17.64 7.81 5.44
C CYS B 98 -18.74 6.95 6.07
N PHE B 99 -18.88 5.74 5.56
CA PHE B 99 -19.63 4.68 6.25
C PHE B 99 -18.68 4.03 7.24
N LYS B 100 -19.27 3.46 8.30
CA LYS B 100 -18.52 2.85 9.39
C LYS B 100 -19.02 1.43 9.65
N ALA B 101 -18.11 0.57 10.13
CA ALA B 101 -18.45 -0.82 10.48
C ALA B 101 -17.50 -1.32 11.57
N THR B 102 -18.08 -1.84 12.65
CA THR B 102 -17.30 -2.30 13.81
C THR B 102 -16.93 -3.78 13.67
N TYR B 103 -15.77 -4.14 14.19
CA TYR B 103 -15.26 -5.52 14.20
C TYR B 103 -14.91 -5.93 15.61
N LEU B 111 -12.81 -0.32 14.51
CA LEU B 111 -13.75 0.25 13.55
C LEU B 111 -13.04 0.47 12.21
N PHE B 112 -13.72 0.12 11.12
CA PHE B 112 -13.25 0.37 9.76
C PHE B 112 -14.16 1.38 9.06
N GLU B 113 -13.61 2.05 8.05
CA GLU B 113 -14.34 3.07 7.28
C GLU B 113 -14.10 2.95 5.78
N ILE B 114 -15.07 3.42 5.00
CA ILE B 114 -14.91 3.60 3.55
C ILE B 114 -15.58 4.93 3.17
N GLN B 115 -15.07 5.57 2.14
CA GLN B 115 -15.61 6.86 1.67
C GLN B 115 -16.91 6.67 0.88
N LYS B 116 -17.92 7.47 1.22
CA LYS B 116 -19.25 7.37 0.59
C LYS B 116 -19.22 7.65 -0.90
N ASN B 117 -18.39 8.59 -1.34
CA ASN B 117 -18.31 8.97 -2.76
C ASN B 117 -17.44 8.03 -3.65
N ALA B 118 -16.86 6.98 -3.08
CA ALA B 118 -15.85 6.17 -3.77
C ALA B 118 -16.41 5.17 -4.77
N ILE B 119 -17.52 4.52 -4.41
CA ILE B 119 -18.06 3.39 -5.17
C ILE B 119 -19.55 3.63 -5.39
N PRO B 120 -19.99 3.76 -6.67
CA PRO B 120 -21.43 3.87 -6.93
C PRO B 120 -22.21 2.61 -6.59
N ALA B 121 -23.48 2.77 -6.22
CA ALA B 121 -24.38 1.64 -6.02
C ALA B 121 -24.48 0.81 -7.29
N GLY B 122 -24.53 -0.50 -7.15
CA GLY B 122 -24.52 -1.44 -8.27
C GLY B 122 -23.15 -1.87 -8.77
N SER B 123 -22.07 -1.25 -8.26
CA SER B 123 -20.70 -1.65 -8.61
C SER B 123 -20.38 -3.07 -8.14
N ASN B 124 -19.64 -3.81 -8.97
CA ASN B 124 -19.12 -5.14 -8.64
C ASN B 124 -17.70 -5.02 -8.09
N VAL B 125 -17.47 -5.55 -6.88
CA VAL B 125 -16.20 -5.40 -6.20
C VAL B 125 -15.62 -6.74 -5.73
N ILE B 126 -14.29 -6.78 -5.63
CA ILE B 126 -13.57 -7.85 -4.94
C ILE B 126 -12.88 -7.22 -3.74
N ILE B 127 -12.99 -7.84 -2.57
CA ILE B 127 -12.26 -7.39 -1.38
C ILE B 127 -10.96 -8.19 -1.25
N VAL B 128 -9.84 -7.48 -1.04
CA VAL B 128 -8.53 -8.12 -0.91
C VAL B 128 -7.77 -7.77 0.35
N ASP B 129 -7.07 -8.75 0.91
CA ASP B 129 -6.19 -8.56 2.06
C ASP B 129 -5.13 -9.67 2.05
N ASP B 130 -4.07 -9.51 2.83
CA ASP B 130 -2.99 -10.50 2.83
C ASP B 130 -3.42 -11.83 3.47
N ILE B 131 -4.01 -11.77 4.67
CA ILE B 131 -4.35 -12.98 5.44
C ILE B 131 -5.74 -12.85 6.06
N ILE B 132 -6.45 -13.98 6.19
CA ILE B 132 -7.68 -14.03 6.97
C ILE B 132 -7.40 -14.93 8.19
N ALA B 133 -7.67 -14.39 9.38
CA ALA B 133 -7.43 -15.09 10.64
C ALA B 133 -8.79 -15.36 11.28
N THR B 134 -9.31 -14.43 12.07
CA THR B 134 -10.64 -14.54 12.67
C THR B 134 -11.75 -14.22 11.67
N GLY B 135 -11.43 -13.41 10.65
CA GLY B 135 -12.42 -12.94 9.66
C GLY B 135 -13.10 -11.63 10.02
N GLY B 136 -12.80 -11.08 11.21
CA GLY B 136 -13.46 -9.87 11.71
C GLY B 136 -13.23 -8.65 10.83
N SER B 137 -12.01 -8.48 10.34
CA SER B 137 -11.66 -7.36 9.48
C SER B 137 -12.36 -7.45 8.13
N ALA B 138 -12.26 -8.63 7.51
CA ALA B 138 -12.92 -8.91 6.23
C ALA B 138 -14.44 -8.73 6.33
N ALA B 139 -15.04 -9.26 7.41
CA ALA B 139 -16.48 -9.11 7.65
C ALA B 139 -16.90 -7.64 7.72
N ALA B 140 -16.10 -6.82 8.42
CA ALA B 140 -16.36 -5.39 8.53
C ALA B 140 -16.32 -4.71 7.16
N ALA B 141 -15.32 -5.05 6.35
CA ALA B 141 -15.21 -4.55 4.98
C ALA B 141 -16.43 -4.91 4.14
N GLY B 142 -16.93 -6.14 4.31
CA GLY B 142 -18.16 -6.59 3.67
C GLY B 142 -19.36 -5.71 4.01
N GLU B 143 -19.48 -5.33 5.29
CA GLU B 143 -20.56 -4.46 5.76
C GLU B 143 -20.47 -3.05 5.14
N LEU B 144 -19.25 -2.56 4.94
CA LEU B 144 -19.04 -1.28 4.27
C LEU B 144 -19.45 -1.33 2.80
N VAL B 145 -19.12 -2.44 2.12
CA VAL B 145 -19.53 -2.64 0.72
C VAL B 145 -21.06 -2.66 0.59
N GLU B 146 -21.74 -3.34 1.50
CA GLU B 146 -23.21 -3.39 1.51
C GLU B 146 -23.86 -2.03 1.79
N GLN B 147 -23.20 -1.21 2.62
CA GLN B 147 -23.67 0.17 2.87
C GLN B 147 -23.53 1.09 1.64
N LEU B 148 -22.56 0.81 0.78
CA LEU B 148 -22.46 1.47 -0.52
C LEU B 148 -23.47 0.96 -1.57
N GLU B 149 -24.27 -0.05 -1.22
CA GLU B 149 -25.16 -0.75 -2.15
C GLU B 149 -24.41 -1.35 -3.35
N ALA B 150 -23.20 -1.82 -3.09
CA ALA B 150 -22.36 -2.45 -4.11
C ALA B 150 -22.43 -3.97 -3.93
N ASN B 151 -22.02 -4.69 -4.97
CA ASN B 151 -22.07 -6.15 -5.01
C ASN B 151 -20.70 -6.73 -4.65
N LEU B 152 -20.66 -7.59 -3.63
CA LEU B 152 -19.43 -8.25 -3.21
C LEU B 152 -19.31 -9.62 -3.89
N LEU B 153 -18.55 -9.66 -4.98
CA LEU B 153 -18.36 -10.89 -5.76
C LEU B 153 -17.56 -11.95 -5.03
N GLU B 154 -16.48 -11.55 -4.35
CA GLU B 154 -15.56 -12.51 -3.73
C GLU B 154 -14.58 -11.81 -2.77
N TYR B 155 -14.11 -12.56 -1.78
CA TYR B 155 -12.92 -12.19 -1.01
C TYR B 155 -11.72 -12.91 -1.62
N ASN B 156 -10.64 -12.17 -1.85
CA ASN B 156 -9.36 -12.77 -2.27
C ASN B 156 -8.30 -12.51 -1.20
N PHE B 157 -7.72 -13.58 -0.67
CA PHE B 157 -6.61 -13.50 0.29
C PHE B 157 -5.38 -14.22 -0.27
N VAL B 158 -4.21 -13.86 0.25
CA VAL B 158 -2.97 -14.57 -0.08
C VAL B 158 -2.88 -15.86 0.76
N MET B 159 -3.16 -15.74 2.06
CA MET B 159 -3.06 -16.84 3.02
C MET B 159 -4.31 -16.93 3.89
N GLU B 160 -4.49 -18.07 4.55
CA GLU B 160 -5.66 -18.33 5.39
C GLU B 160 -5.31 -19.29 6.52
N LEU B 161 -5.71 -18.93 7.74
CA LEU B 161 -5.49 -19.76 8.92
C LEU B 161 -6.76 -20.60 9.17
N ASP B 162 -6.77 -21.82 8.61
CA ASP B 162 -7.98 -22.67 8.54
C ASP B 162 -8.59 -23.00 9.90
N PHE B 163 -7.74 -23.40 10.84
CA PHE B 163 -8.12 -23.67 12.24
C PHE B 163 -8.89 -22.55 12.96
N LEU B 164 -8.69 -21.29 12.56
CA LEU B 164 -9.44 -20.17 13.14
C LEU B 164 -10.88 -20.00 12.60
N LYS B 165 -11.21 -20.68 11.51
CA LYS B 165 -12.58 -20.67 10.93
C LYS B 165 -13.04 -19.26 10.57
N GLY B 166 -12.15 -18.49 9.95
CA GLY B 166 -12.42 -17.11 9.57
C GLY B 166 -13.53 -16.94 8.54
N ARG B 167 -13.58 -17.85 7.58
CA ARG B 167 -14.64 -17.90 6.54
C ARG B 167 -16.07 -17.89 7.08
N SER B 168 -16.28 -18.47 8.26
CA SER B 168 -17.62 -18.57 8.87
C SER B 168 -18.27 -17.21 9.18
N LYS B 169 -17.45 -16.18 9.42
CA LYS B 169 -17.97 -14.81 9.63
C LYS B 169 -18.41 -14.08 8.35
N LEU B 170 -18.06 -14.62 7.18
CA LEU B 170 -18.27 -13.93 5.90
C LEU B 170 -19.43 -14.56 5.12
N ASN B 171 -20.19 -13.70 4.44
CA ASN B 171 -21.32 -14.16 3.61
C ASN B 171 -21.15 -13.76 2.14
N ALA B 172 -19.94 -14.03 1.63
CA ALA B 172 -19.65 -14.03 0.20
C ALA B 172 -18.53 -15.06 -0.05
N PRO B 173 -18.35 -15.53 -1.30
CA PRO B 173 -17.32 -16.55 -1.56
C PRO B 173 -15.88 -16.10 -1.27
N VAL B 174 -15.01 -17.06 -0.99
CA VAL B 174 -13.62 -16.79 -0.59
C VAL B 174 -12.64 -17.61 -1.42
N PHE B 175 -11.62 -16.93 -1.93
CA PHE B 175 -10.47 -17.56 -2.58
C PHE B 175 -9.22 -17.21 -1.80
N THR B 176 -8.40 -18.22 -1.53
CA THR B 176 -7.09 -18.05 -0.90
C THR B 176 -6.04 -18.67 -1.83
N LEU B 177 -5.03 -17.89 -2.19
CA LEU B 177 -4.05 -18.29 -3.19
C LEU B 177 -3.11 -19.41 -2.69
N LEU B 178 -2.62 -19.25 -1.47
CA LEU B 178 -1.66 -20.19 -0.88
C LEU B 178 -2.32 -21.04 0.20
#